data_3PH3
#
_entry.id   3PH3
#
_cell.length_a   69.033
_cell.length_b   69.033
_cell.length_c   154.583
_cell.angle_alpha   90.00
_cell.angle_beta   90.00
_cell.angle_gamma   120.00
#
_symmetry.space_group_name_H-M   'P 32 2 1'
#
loop_
_entity.id
_entity.type
_entity.pdbx_description
1 polymer 'Ribose-5-phosphate isomerase'
2 non-polymer D-ribose
3 water water
#
_entity_poly.entity_id   1
_entity_poly.type   'polypeptide(L)'
_entity_poly.pdbx_seq_one_letter_code
;MGSSHHHHHHSSGLVPRGSHMKIGIGSDHGGYNLKREIADFLKKRGYEVIDFGTHGNESVDYPDFGLKVAEAVKSGECDR
GIVICGTGLGISIAANKVPGIRAAVCTNSYMARMSREHNDANILALGERVVGLDLALDIVDTWLKAEFQGGRHATRVGKI
GEIEKKYSK
;
_entity_poly.pdbx_strand_id   A,B
#
# COMPACT_ATOMS: atom_id res chain seq x y z
N MET A 21 0.17 22.90 -8.85
CA MET A 21 -0.92 21.94 -8.53
C MET A 21 -1.39 22.04 -7.07
N LYS A 22 -2.55 21.49 -6.79
CA LYS A 22 -3.05 21.55 -5.43
C LYS A 22 -2.94 20.18 -4.79
N ILE A 23 -2.46 20.19 -3.56
CA ILE A 23 -2.19 18.95 -2.84
C ILE A 23 -3.13 18.86 -1.68
N GLY A 24 -3.94 17.78 -1.62
CA GLY A 24 -4.68 17.47 -0.39
C GLY A 24 -3.79 16.66 0.56
N ILE A 25 -3.87 16.99 1.85
CA ILE A 25 -3.22 16.24 2.91
C ILE A 25 -4.17 15.87 4.02
N GLY A 26 -3.93 14.71 4.60
CA GLY A 26 -4.77 14.28 5.75
C GLY A 26 -4.02 13.28 6.60
N SER A 27 -4.48 13.10 7.84
CA SER A 27 -3.78 12.18 8.76
C SER A 27 -4.71 11.70 9.82
N ASP A 28 -4.31 10.62 10.50
CA ASP A 28 -4.91 10.39 11.82
C ASP A 28 -3.99 11.06 12.85
N HIS A 29 -4.25 10.89 14.16
CA HIS A 29 -3.44 11.45 15.26
C HIS A 29 -1.98 10.91 15.16
N GLY A 30 -1.80 9.65 14.71
CA GLY A 30 -0.46 9.03 14.45
C GLY A 30 0.37 9.72 13.35
N GLY A 31 -0.29 10.52 12.48
CA GLY A 31 0.36 11.26 11.37
C GLY A 31 0.26 12.77 11.46
N TYR A 32 -0.26 13.28 12.58
CA TYR A 32 -0.62 14.70 12.71
C TYR A 32 0.59 15.64 12.73
N ASN A 33 1.66 15.28 13.44
CA ASN A 33 2.81 16.15 13.54
C ASN A 33 3.63 16.25 12.22
N LEU A 34 3.79 15.10 11.55
CA LEU A 34 4.42 15.02 10.23
C LEU A 34 3.56 15.83 9.22
N LYS A 35 2.24 15.70 9.34
CA LYS A 35 1.34 16.47 8.45
C LYS A 35 1.58 17.98 8.56
N ARG A 36 1.70 18.48 9.79
CA ARG A 36 1.94 19.89 9.98
C ARG A 36 3.27 20.28 9.33
N GLU A 37 4.31 19.46 9.51
CA GLU A 37 5.61 19.74 8.86
C GLU A 37 5.56 19.68 7.36
N ILE A 38 4.81 18.73 6.80
CA ILE A 38 4.74 18.61 5.34
C ILE A 38 3.93 19.82 4.74
N ALA A 39 2.84 20.24 5.42
CA ALA A 39 1.98 21.33 4.96
C ALA A 39 2.86 22.57 4.80
N ASP A 40 3.63 22.83 5.86
CA ASP A 40 4.59 23.95 5.95
C ASP A 40 5.65 23.89 4.85
N PHE A 41 6.24 22.71 4.64
CA PHE A 41 7.14 22.47 3.52
C PHE A 41 6.52 22.79 2.16
N LEU A 42 5.30 22.31 1.95
CA LEU A 42 4.61 22.47 0.67
C LEU A 42 4.25 23.94 0.37
N LYS A 43 3.69 24.64 1.37
CA LYS A 43 3.39 26.10 1.25
C LYS A 43 4.64 26.91 0.83
N LYS A 44 5.71 26.83 1.64
CA LYS A 44 7.04 27.34 1.30
C LYS A 44 7.45 27.10 -0.13
N ARG A 45 7.00 26.01 -0.74
CA ARG A 45 7.39 25.77 -2.13
C ARG A 45 6.36 26.31 -3.15
N GLY A 46 5.32 26.96 -2.65
CA GLY A 46 4.32 27.54 -3.54
C GLY A 46 3.18 26.61 -3.97
N TYR A 47 2.95 25.50 -3.25
CA TYR A 47 1.78 24.64 -3.55
C TYR A 47 0.60 25.17 -2.83
N GLU A 48 -0.58 24.96 -3.40
CA GLU A 48 -1.78 25.22 -2.62
C GLU A 48 -2.14 23.94 -1.82
N VAL A 49 -2.31 24.10 -0.52
CA VAL A 49 -2.55 22.96 0.33
C VAL A 49 -3.95 23.00 0.91
N ILE A 50 -4.71 21.90 0.73
CA ILE A 50 -5.99 21.70 1.43
C ILE A 50 -5.75 20.66 2.53
N ASP A 51 -5.77 21.10 3.79
CA ASP A 51 -5.62 20.20 4.93
C ASP A 51 -6.98 19.61 5.27
N PHE A 52 -7.14 18.29 5.16
CA PHE A 52 -8.42 17.66 5.52
C PHE A 52 -8.55 17.16 6.99
N GLY A 53 -7.67 17.63 7.87
CA GLY A 53 -7.57 17.08 9.23
C GLY A 53 -6.83 15.75 9.23
N THR A 54 -6.69 15.10 10.39
CA THR A 54 -7.21 15.56 11.65
C THR A 54 -6.43 16.80 12.08
N HIS A 55 -6.98 17.49 13.08
CA HIS A 55 -6.56 18.84 13.45
C HIS A 55 -6.05 18.86 14.90
N GLY A 56 -5.82 17.68 15.48
CA GLY A 56 -5.15 17.54 16.78
C GLY A 56 -4.68 16.11 17.06
N ASN A 57 -4.28 15.87 18.31
CA ASN A 57 -3.70 14.60 18.77
C ASN A 57 -4.73 13.61 19.38
N GLU A 58 -6.00 14.05 19.43
CA GLU A 58 -7.15 13.20 19.78
C GLU A 58 -7.13 11.93 18.95
N SER A 59 -7.51 10.83 19.56
CA SER A 59 -7.61 9.57 18.85
C SER A 59 -8.70 9.61 17.73
N VAL A 60 -8.31 9.27 16.49
CA VAL A 60 -9.26 9.28 15.36
C VAL A 60 -9.03 8.05 14.49
N ASP A 61 -9.90 7.83 13.51
CA ASP A 61 -9.84 6.60 12.73
C ASP A 61 -9.27 6.92 11.36
N TYR A 62 -8.12 6.35 11.03
CA TYR A 62 -7.46 6.65 9.72
C TYR A 62 -8.36 6.49 8.43
N PRO A 63 -9.38 5.59 8.40
CA PRO A 63 -10.13 5.59 7.13
C PRO A 63 -10.89 6.87 6.78
N ASP A 64 -11.35 7.63 7.78
CA ASP A 64 -12.13 8.86 7.53
C ASP A 64 -11.31 9.89 6.76
N PHE A 65 -10.06 10.02 7.17
CA PHE A 65 -9.19 11.01 6.62
C PHE A 65 -8.59 10.51 5.31
N GLY A 66 -8.33 9.21 5.19
CA GLY A 66 -7.99 8.56 3.92
C GLY A 66 -9.06 8.78 2.85
N LEU A 67 -10.31 8.54 3.24
CA LEU A 67 -11.41 8.77 2.32
C LEU A 67 -11.46 10.23 1.90
N LYS A 68 -11.37 11.18 2.83
CA LYS A 68 -11.51 12.61 2.48
C LYS A 68 -10.48 13.01 1.42
N VAL A 69 -9.22 12.65 1.65
CA VAL A 69 -8.18 12.98 0.67
C VAL A 69 -8.40 12.23 -0.64
N ALA A 70 -8.78 10.97 -0.55
CA ALA A 70 -8.93 10.18 -1.76
C ALA A 70 -10.12 10.70 -2.64
N GLU A 71 -11.22 11.06 -2.02
CA GLU A 71 -12.37 11.60 -2.73
C GLU A 71 -12.09 12.99 -3.31
N ALA A 72 -11.24 13.77 -2.64
CA ALA A 72 -10.83 15.09 -3.19
C ALA A 72 -9.96 14.91 -4.44
N VAL A 73 -9.12 13.89 -4.44
CA VAL A 73 -8.29 13.66 -5.60
C VAL A 73 -9.17 13.16 -6.75
N LYS A 74 -10.08 12.25 -6.44
CA LYS A 74 -11.00 11.72 -7.44
C LYS A 74 -11.94 12.78 -8.05
N SER A 75 -12.38 13.75 -7.25
CA SER A 75 -13.30 14.76 -7.69
C SER A 75 -12.53 15.85 -8.39
N GLY A 76 -11.21 15.75 -8.44
CA GLY A 76 -10.40 16.74 -9.07
C GLY A 76 -10.28 18.00 -8.25
N GLU A 77 -10.84 18.07 -7.05
CA GLU A 77 -10.62 19.23 -6.16
C GLU A 77 -9.12 19.41 -5.71
N CYS A 78 -8.36 18.29 -5.59
CA CYS A 78 -6.91 18.32 -5.39
C CYS A 78 -6.36 17.63 -6.59
N ASP A 79 -5.13 17.89 -6.98
CA ASP A 79 -4.55 17.10 -8.04
C ASP A 79 -3.93 15.78 -7.55
N ARG A 80 -3.41 15.77 -6.35
CA ARG A 80 -2.70 14.64 -5.72
C ARG A 80 -2.84 14.85 -4.23
N GLY A 81 -2.63 13.78 -3.47
CA GLY A 81 -2.85 13.81 -2.00
C GLY A 81 -1.68 13.13 -1.33
N ILE A 82 -1.50 13.49 -0.07
CA ILE A 82 -0.47 12.93 0.75
C ILE A 82 -1.21 12.46 2.02
N VAL A 83 -1.10 11.19 2.41
CA VAL A 83 -1.86 10.74 3.60
C VAL A 83 -0.87 10.19 4.62
N ILE A 84 -1.10 10.43 5.90
CA ILE A 84 -0.06 10.09 6.87
C ILE A 84 -0.72 9.37 8.09
N CYS A 85 -0.17 8.24 8.51
CA CYS A 85 -0.50 7.64 9.83
C CYS A 85 0.77 7.09 10.45
N GLY A 86 0.65 6.25 11.49
CA GLY A 86 1.84 5.71 12.13
C GLY A 86 2.75 5.01 11.14
N THR A 87 2.18 4.10 10.33
CA THR A 87 2.98 3.41 9.30
C THR A 87 2.73 3.81 7.88
N GLY A 88 1.64 4.52 7.60
CA GLY A 88 1.13 4.72 6.23
C GLY A 88 0.21 3.62 5.76
N LEU A 89 0.10 2.51 6.52
CA LEU A 89 -0.55 1.33 5.96
C LEU A 89 -2.06 1.43 5.93
N GLY A 90 -2.67 1.72 7.07
CA GLY A 90 -4.10 1.70 7.14
C GLY A 90 -4.72 2.71 6.18
N ILE A 91 -4.22 3.95 6.23
CA ILE A 91 -4.76 5.07 5.50
C ILE A 91 -4.59 4.82 3.98
N SER A 92 -3.50 4.20 3.61
CA SER A 92 -3.25 3.93 2.19
C SER A 92 -4.15 2.78 1.70
N ILE A 93 -4.39 1.78 2.56
CA ILE A 93 -5.30 0.68 2.19
C ILE A 93 -6.72 1.27 1.98
N ALA A 94 -7.18 2.08 2.92
CA ALA A 94 -8.47 2.72 2.83
C ALA A 94 -8.52 3.63 1.52
N ALA A 95 -7.51 4.46 1.32
CA ALA A 95 -7.47 5.36 0.12
C ALA A 95 -7.59 4.52 -1.17
N ASN A 96 -6.92 3.35 -1.19
CA ASN A 96 -6.95 2.45 -2.31
C ASN A 96 -8.29 1.80 -2.59
N LYS A 97 -9.24 1.93 -1.65
CA LYS A 97 -10.60 1.35 -1.89
C LYS A 97 -11.43 2.22 -2.85
N VAL A 98 -11.00 3.46 -3.05
CA VAL A 98 -11.70 4.28 -3.95
C VAL A 98 -11.21 4.14 -5.41
N PRO A 99 -12.15 3.92 -6.36
CA PRO A 99 -11.73 3.66 -7.74
C PRO A 99 -11.02 4.91 -8.32
N GLY A 100 -9.98 4.65 -9.12
CA GLY A 100 -9.24 5.78 -9.69
C GLY A 100 -8.14 6.28 -8.75
N ILE A 101 -8.07 5.71 -7.54
CA ILE A 101 -7.02 6.15 -6.58
C ILE A 101 -5.94 5.09 -6.55
N ARG A 102 -4.69 5.58 -6.55
CA ARG A 102 -3.51 4.69 -6.46
C ARG A 102 -2.58 5.23 -5.40
N ALA A 103 -2.73 4.73 -4.16
CA ALA A 103 -1.96 5.23 -2.97
C ALA A 103 -0.71 4.39 -2.70
N ALA A 104 0.44 5.07 -2.70
CA ALA A 104 1.70 4.39 -2.59
C ALA A 104 2.38 4.60 -1.25
N VAL A 105 2.53 3.54 -0.44
CA VAL A 105 3.28 3.74 0.80
C VAL A 105 4.79 3.62 0.56
N CYS A 106 5.49 4.74 0.72
CA CYS A 106 6.91 4.80 0.42
C CYS A 106 7.71 5.07 1.66
N THR A 107 8.82 4.37 1.77
CA THR A 107 9.76 4.54 2.92
C THR A 107 11.09 4.99 2.39
N ASN A 108 11.20 5.26 1.09
CA ASN A 108 12.47 5.86 0.60
C ASN A 108 12.16 6.60 -0.70
N SER A 109 13.12 7.40 -1.20
CA SER A 109 12.96 8.16 -2.46
C SER A 109 12.83 7.28 -3.71
N TYR A 110 13.59 6.20 -3.73
CA TYR A 110 13.42 5.25 -4.82
C TYR A 110 11.94 4.76 -5.01
N MET A 111 11.29 4.31 -3.95
CA MET A 111 9.89 3.88 -4.05
C MET A 111 9.04 5.04 -4.48
N ALA A 112 9.27 6.21 -3.89
CA ALA A 112 8.47 7.38 -4.25
C ALA A 112 8.56 7.67 -5.77
N ARG A 113 9.78 7.67 -6.29
CA ARG A 113 9.98 7.88 -7.71
C ARG A 113 9.29 6.82 -8.56
N MET A 114 9.48 5.55 -8.26
CA MET A 114 8.86 4.50 -9.06
C MET A 114 7.35 4.58 -8.95
N SER A 115 6.84 5.05 -7.82
CA SER A 115 5.41 4.97 -7.66
C SER A 115 4.78 5.95 -8.72
N ARG A 116 5.50 7.06 -8.98
CA ARG A 116 5.05 8.04 -10.00
C ARG A 116 5.36 7.48 -11.39
N GLU A 117 6.62 7.16 -11.65
CA GLU A 117 6.98 6.62 -13.00
C GLU A 117 6.25 5.37 -13.46
N HIS A 118 5.99 4.42 -12.56
CA HIS A 118 5.41 3.17 -13.01
C HIS A 118 3.92 3.06 -12.64
N ASN A 119 3.54 3.54 -11.49
CA ASN A 119 2.21 3.26 -11.03
C ASN A 119 1.31 4.46 -11.17
N ASP A 120 1.89 5.59 -11.65
CA ASP A 120 1.17 6.83 -11.71
C ASP A 120 0.39 7.10 -10.40
N ALA A 121 1.05 7.01 -9.24
CA ALA A 121 0.37 7.17 -7.96
C ALA A 121 -0.17 8.53 -7.77
N ASN A 122 -1.42 8.67 -7.38
CA ASN A 122 -1.89 10.03 -7.13
C ASN A 122 -2.05 10.27 -5.61
N ILE A 123 -1.75 9.26 -4.78
CA ILE A 123 -1.60 9.55 -3.32
C ILE A 123 -0.27 8.92 -2.80
N LEU A 124 0.48 9.72 -2.06
CA LEU A 124 1.65 9.29 -1.37
C LEU A 124 1.27 8.90 0.08
N ALA A 125 1.66 7.71 0.53
CA ALA A 125 1.39 7.45 1.96
C ALA A 125 2.63 7.37 2.80
N LEU A 126 2.62 7.97 4.00
CA LEU A 126 3.78 8.00 4.82
C LEU A 126 3.49 7.53 6.26
N GLY A 127 4.51 6.99 6.90
CA GLY A 127 4.30 6.64 8.31
C GLY A 127 5.18 7.42 9.23
N GLU A 128 4.55 8.28 10.02
CA GLU A 128 5.31 9.17 10.93
C GLU A 128 6.16 8.42 11.96
N ARG A 129 5.81 7.17 12.23
CA ARG A 129 6.54 6.36 13.24
C ARG A 129 7.64 5.51 12.60
N VAL A 130 7.72 5.63 11.27
CA VAL A 130 8.67 4.85 10.51
C VAL A 130 9.75 5.72 9.90
N VAL A 131 9.36 6.79 9.19
CA VAL A 131 10.38 7.65 8.59
C VAL A 131 10.55 8.93 9.41
N GLY A 132 11.81 9.35 9.64
CA GLY A 132 12.07 10.59 10.33
C GLY A 132 11.72 11.77 9.43
N LEU A 133 11.67 12.96 9.99
CA LEU A 133 11.18 14.11 9.31
C LEU A 133 11.95 14.34 7.96
N ASP A 134 13.29 14.37 7.99
CA ASP A 134 14.00 14.84 6.82
C ASP A 134 13.99 13.81 5.73
N LEU A 135 13.98 12.51 6.13
CA LEU A 135 13.74 11.46 5.14
C LEU A 135 12.34 11.63 4.50
N ALA A 136 11.31 11.91 5.31
CA ALA A 136 9.97 12.04 4.79
C ALA A 136 9.91 13.23 3.79
N LEU A 137 10.57 14.35 4.14
CA LEU A 137 10.66 15.50 3.19
C LEU A 137 11.42 15.12 1.94
N ASP A 138 12.39 14.21 2.01
CA ASP A 138 13.09 13.82 0.78
C ASP A 138 12.15 13.02 -0.10
N ILE A 139 11.37 12.18 0.55
CA ILE A 139 10.45 11.35 -0.19
C ILE A 139 9.38 12.22 -0.88
N VAL A 140 8.81 13.19 -0.17
CA VAL A 140 7.76 14.09 -0.71
C VAL A 140 8.31 14.92 -1.93
N ASP A 141 9.52 15.44 -1.79
CA ASP A 141 10.26 16.16 -2.86
C ASP A 141 10.34 15.25 -4.08
N THR A 142 10.92 14.05 -3.90
CA THR A 142 11.00 13.11 -5.00
C THR A 142 9.65 12.79 -5.63
N TRP A 143 8.64 12.57 -4.79
CA TRP A 143 7.36 12.15 -5.30
C TRP A 143 6.71 13.30 -6.13
N LEU A 144 6.73 14.52 -5.59
CA LEU A 144 6.16 15.64 -6.31
C LEU A 144 6.81 15.90 -7.69
N LYS A 145 8.10 15.57 -7.88
CA LYS A 145 8.83 15.92 -9.09
C LYS A 145 8.87 14.81 -10.12
N ALA A 146 8.55 13.57 -9.75
CA ALA A 146 8.63 12.41 -10.69
C ALA A 146 7.44 12.40 -11.68
N GLU A 147 7.61 11.75 -12.82
CA GLU A 147 6.55 11.82 -13.83
C GLU A 147 6.26 10.48 -14.38
N PHE A 148 4.99 10.26 -14.68
CA PHE A 148 4.52 8.97 -15.17
C PHE A 148 5.16 8.66 -16.50
N GLN A 149 5.58 7.43 -16.73
CA GLN A 149 6.29 7.08 -17.94
C GLN A 149 5.39 6.48 -19.06
N GLY A 150 4.13 6.22 -18.79
CA GLY A 150 3.25 5.66 -19.78
C GLY A 150 3.69 4.33 -20.30
N GLY A 151 3.22 4.02 -21.49
CA GLY A 151 3.67 2.81 -22.14
C GLY A 151 3.11 1.62 -21.43
N ARG A 152 3.95 0.60 -21.30
CA ARG A 152 3.46 -0.60 -20.63
C ARG A 152 2.92 -0.30 -19.21
N HIS A 153 3.36 0.78 -18.60
CA HIS A 153 2.87 1.13 -17.26
C HIS A 153 1.44 1.60 -17.37
N ALA A 154 1.04 2.16 -18.52
CA ALA A 154 -0.36 2.55 -18.70
C ALA A 154 -1.23 1.31 -18.83
N THR A 155 -0.74 0.35 -19.61
CA THR A 155 -1.45 -0.88 -19.77
C THR A 155 -1.76 -1.44 -18.37
N ARG A 156 -0.74 -1.44 -17.52
CA ARG A 156 -0.88 -2.13 -16.20
C ARG A 156 -1.78 -1.33 -15.29
N VAL A 157 -1.69 -0.01 -15.35
CA VAL A 157 -2.68 0.80 -14.61
C VAL A 157 -4.14 0.50 -15.11
N GLY A 158 -4.32 0.24 -16.41
CA GLY A 158 -5.68 -0.12 -16.91
C GLY A 158 -6.15 -1.44 -16.30
N LYS A 159 -5.26 -2.46 -16.25
CA LYS A 159 -5.59 -3.70 -15.58
C LYS A 159 -5.97 -3.50 -14.04
N ILE A 160 -5.41 -2.48 -13.37
CA ILE A 160 -5.89 -2.13 -12.02
C ILE A 160 -7.34 -1.66 -12.18
N GLY A 161 -7.58 -0.80 -13.20
CA GLY A 161 -8.92 -0.39 -13.51
C GLY A 161 -9.83 -1.55 -13.78
N GLU A 162 -9.36 -2.62 -14.43
CA GLU A 162 -10.27 -3.73 -14.65
C GLU A 162 -10.69 -4.33 -13.31
N ILE A 163 -9.80 -4.35 -12.32
CA ILE A 163 -10.23 -4.96 -11.00
C ILE A 163 -11.30 -4.07 -10.38
N GLU A 164 -11.11 -2.75 -10.36
CA GLU A 164 -12.10 -1.87 -9.81
C GLU A 164 -13.45 -2.11 -10.53
N LYS A 165 -13.41 -2.29 -11.87
CA LYS A 165 -14.67 -2.50 -12.61
C LYS A 165 -15.32 -3.81 -12.25
N LYS A 166 -14.52 -4.84 -12.03
CA LYS A 166 -15.09 -6.12 -11.64
C LYS A 166 -15.88 -6.03 -10.29
N TYR A 167 -15.48 -5.17 -9.35
CA TYR A 167 -16.03 -5.24 -7.95
C TYR A 167 -16.88 -4.04 -7.64
N SER A 168 -16.94 -3.16 -8.63
CA SER A 168 -17.83 -2.02 -8.68
C SER A 168 -19.41 -2.35 -8.48
N MET B 21 -1.43 -23.52 8.08
CA MET B 21 -2.22 -22.55 7.31
C MET B 21 -1.61 -22.43 5.89
N LYS B 22 -2.46 -22.13 4.92
CA LYS B 22 -2.03 -22.13 3.53
C LYS B 22 -1.74 -20.70 3.12
N ILE B 23 -0.56 -20.52 2.56
CA ILE B 23 -0.11 -19.20 2.09
C ILE B 23 -0.15 -19.20 0.59
N GLY B 24 -0.90 -18.28 0.01
CA GLY B 24 -0.81 -17.98 -1.42
C GLY B 24 0.34 -17.03 -1.74
N ILE B 25 1.07 -17.32 -2.82
CA ILE B 25 2.18 -16.48 -3.23
C ILE B 25 2.11 -16.11 -4.72
N GLY B 26 2.48 -14.88 -5.08
CA GLY B 26 2.44 -14.49 -6.49
C GLY B 26 3.38 -13.35 -6.78
N SER B 27 3.77 -13.17 -8.04
CA SER B 27 4.69 -12.07 -8.35
C SER B 27 4.58 -11.73 -9.82
N ASP B 28 5.07 -10.56 -10.20
CA ASP B 28 5.42 -10.36 -11.60
C ASP B 28 6.89 -10.80 -11.81
N HIS B 29 7.46 -10.51 -12.99
CA HIS B 29 8.83 -10.89 -13.32
C HIS B 29 9.79 -10.06 -12.44
N GLY B 30 9.40 -8.85 -12.03
CA GLY B 30 10.16 -8.05 -10.99
C GLY B 30 10.26 -8.67 -9.56
N GLY B 31 9.32 -9.56 -9.19
CA GLY B 31 9.39 -10.29 -7.91
C GLY B 31 9.59 -11.79 -7.98
N TYR B 32 9.98 -12.30 -9.14
CA TYR B 32 10.00 -13.74 -9.34
C TYR B 32 11.12 -14.52 -8.59
N ASN B 33 12.32 -13.95 -8.54
CA ASN B 33 13.39 -14.61 -7.83
C ASN B 33 13.21 -14.61 -6.28
N LEU B 34 12.76 -13.48 -5.75
CA LEU B 34 12.45 -13.37 -4.33
C LEU B 34 11.27 -14.32 -4.01
N LYS B 35 10.28 -14.39 -4.92
CA LYS B 35 9.18 -15.37 -4.75
C LYS B 35 9.70 -16.79 -4.61
N ARG B 36 10.58 -17.22 -5.51
CA ARG B 36 11.12 -18.57 -5.41
C ARG B 36 11.81 -18.78 -4.01
N GLU B 37 12.51 -17.76 -3.53
CA GLU B 37 13.21 -17.84 -2.25
C GLU B 37 12.29 -17.97 -1.06
N ILE B 38 11.17 -17.23 -1.11
CA ILE B 38 10.18 -17.24 -0.02
C ILE B 38 9.35 -18.55 -0.07
N ALA B 39 9.03 -19.05 -1.28
CA ALA B 39 8.29 -20.32 -1.43
C ALA B 39 9.12 -21.38 -0.70
N ASP B 40 10.42 -21.44 -1.05
CA ASP B 40 11.39 -22.34 -0.40
C ASP B 40 11.43 -22.20 1.13
N PHE B 41 11.59 -20.98 1.63
CA PHE B 41 11.51 -20.66 3.09
C PHE B 41 10.24 -21.13 3.79
N LEU B 42 9.08 -20.85 3.18
CA LEU B 42 7.77 -21.22 3.72
C LEU B 42 7.59 -22.75 3.84
N LYS B 43 7.94 -23.49 2.78
CA LYS B 43 7.82 -24.96 2.80
C LYS B 43 8.68 -25.54 3.95
N LYS B 44 9.97 -25.20 3.97
CA LYS B 44 10.90 -25.61 5.05
C LYS B 44 10.31 -25.39 6.41
N ARG B 45 9.36 -24.49 6.53
CA ARG B 45 8.81 -24.18 7.84
C ARG B 45 7.46 -24.88 8.05
N GLY B 46 7.07 -25.68 7.07
CA GLY B 46 5.87 -26.47 7.13
C GLY B 46 4.55 -25.80 6.76
N TYR B 47 4.59 -24.65 6.05
CA TYR B 47 3.37 -24.07 5.49
C TYR B 47 3.07 -24.77 4.21
N GLU B 48 1.80 -24.83 3.86
CA GLU B 48 1.44 -25.24 2.54
C GLU B 48 1.40 -24.03 1.58
N VAL B 49 2.11 -24.11 0.49
CA VAL B 49 2.26 -22.97 -0.35
C VAL B 49 1.53 -23.21 -1.67
N ILE B 50 0.69 -22.26 -2.11
CA ILE B 50 0.15 -22.29 -3.46
C ILE B 50 0.82 -21.12 -4.21
N ASP B 51 1.52 -21.45 -5.30
CA ASP B 51 2.23 -20.47 -6.13
C ASP B 51 1.35 -20.11 -7.32
N PHE B 52 0.84 -18.87 -7.39
CA PHE B 52 0.04 -18.41 -8.55
C PHE B 52 0.85 -17.84 -9.75
N GLY B 53 2.15 -18.12 -9.77
CA GLY B 53 3.06 -17.53 -10.75
C GLY B 53 3.31 -16.06 -10.40
N THR B 54 4.05 -15.35 -11.26
CA THR B 54 4.51 -15.80 -12.55
C THR B 54 5.59 -16.85 -12.40
N HIS B 55 5.87 -17.52 -13.51
CA HIS B 55 6.69 -18.71 -13.48
C HIS B 55 8.03 -18.53 -14.17
N GLY B 56 8.31 -17.32 -14.65
CA GLY B 56 9.62 -16.99 -15.20
C GLY B 56 9.93 -15.50 -15.20
N ASN B 57 10.99 -15.15 -15.93
CA ASN B 57 11.55 -13.81 -16.00
C ASN B 57 10.95 -12.96 -17.13
N GLU B 58 10.08 -13.59 -17.94
CA GLU B 58 9.30 -12.90 -18.99
C GLU B 58 8.46 -11.74 -18.41
N SER B 59 8.42 -10.64 -19.13
CA SER B 59 7.66 -9.46 -18.74
C SER B 59 6.19 -9.82 -18.59
N VAL B 60 5.63 -9.54 -17.40
CA VAL B 60 4.19 -9.76 -17.16
C VAL B 60 3.60 -8.58 -16.41
N ASP B 61 2.29 -8.63 -16.21
CA ASP B 61 1.56 -7.46 -15.65
C ASP B 61 1.21 -7.75 -14.20
N TYR B 62 1.84 -7.02 -13.28
CA TYR B 62 1.60 -7.26 -11.82
C TYR B 62 0.08 -7.31 -11.40
N PRO B 63 -0.83 -6.56 -12.08
CA PRO B 63 -2.17 -6.75 -11.58
C PRO B 63 -2.75 -8.16 -11.72
N ASP B 64 -2.38 -8.90 -12.76
CA ASP B 64 -2.97 -10.24 -12.95
C ASP B 64 -2.64 -11.14 -11.75
N PHE B 65 -1.40 -11.04 -11.29
CA PHE B 65 -0.94 -11.94 -10.25
C PHE B 65 -1.40 -11.47 -8.86
N GLY B 66 -1.48 -10.15 -8.66
CA GLY B 66 -2.06 -9.58 -7.44
C GLY B 66 -3.51 -10.06 -7.28
N LEU B 67 -4.24 -10.10 -8.40
CA LEU B 67 -5.62 -10.53 -8.39
C LEU B 67 -5.72 -11.98 -8.03
N LYS B 68 -4.93 -12.86 -8.66
CA LYS B 68 -5.02 -14.29 -8.38
C LYS B 68 -4.86 -14.54 -6.86
N VAL B 69 -3.83 -13.93 -6.29
CA VAL B 69 -3.54 -14.05 -4.85
C VAL B 69 -4.67 -13.48 -3.99
N ALA B 70 -5.15 -12.30 -4.36
CA ALA B 70 -6.15 -11.63 -3.53
C ALA B 70 -7.47 -12.40 -3.60
N GLU B 71 -7.87 -12.86 -4.78
CA GLU B 71 -9.06 -13.76 -4.92
C GLU B 71 -8.97 -15.10 -4.19
N ALA B 72 -7.76 -15.68 -4.14
CA ALA B 72 -7.53 -16.91 -3.37
C ALA B 72 -7.68 -16.67 -1.86
N VAL B 73 -7.29 -15.49 -1.41
CA VAL B 73 -7.45 -15.19 -0.01
C VAL B 73 -8.93 -14.90 0.27
N LYS B 74 -9.56 -14.14 -0.64
CA LYS B 74 -10.99 -13.77 -0.47
C LYS B 74 -11.87 -15.01 -0.36
N SER B 75 -11.55 -16.04 -1.14
CA SER B 75 -12.38 -17.19 -1.25
C SER B 75 -11.97 -18.25 -0.23
N GLY B 76 -11.03 -17.96 0.67
CA GLY B 76 -10.60 -18.94 1.65
C GLY B 76 -9.78 -20.11 1.11
N GLU B 77 -9.45 -20.15 -0.16
CA GLU B 77 -8.54 -21.17 -0.63
C GLU B 77 -7.11 -21.01 -0.05
N CYS B 78 -6.72 -19.75 0.31
CA CYS B 78 -5.50 -19.48 1.08
C CYS B 78 -5.94 -18.79 2.31
N ASP B 79 -5.23 -18.95 3.41
CA ASP B 79 -5.56 -18.12 4.56
C ASP B 79 -4.95 -16.71 4.45
N ARG B 80 -3.78 -16.61 3.85
CA ARG B 80 -3.12 -15.30 3.67
C ARG B 80 -2.24 -15.37 2.45
N GLY B 81 -1.82 -14.21 1.96
CA GLY B 81 -1.06 -14.17 0.69
C GLY B 81 0.16 -13.32 0.83
N ILE B 82 1.12 -13.54 -0.07
CA ILE B 82 2.30 -12.72 -0.18
C ILE B 82 2.46 -12.40 -1.68
N VAL B 83 2.58 -11.11 -1.99
CA VAL B 83 2.66 -10.65 -3.37
C VAL B 83 3.98 -9.87 -3.57
N ILE B 84 4.69 -10.12 -4.66
CA ILE B 84 6.03 -9.48 -4.76
C ILE B 84 6.17 -8.85 -6.15
N CYS B 85 6.61 -7.61 -6.24
CA CYS B 85 7.05 -7.01 -7.49
C CYS B 85 8.30 -6.20 -7.19
N GLY B 86 8.74 -5.35 -8.13
CA GLY B 86 9.95 -4.59 -7.89
C GLY B 86 9.91 -3.81 -6.62
N THR B 87 8.82 -3.06 -6.41
CA THR B 87 8.75 -2.27 -5.21
C THR B 87 7.70 -2.77 -4.23
N GLY B 88 6.82 -3.68 -4.63
CA GLY B 88 5.62 -4.02 -3.88
C GLY B 88 4.44 -3.11 -4.19
N LEU B 89 4.65 -2.01 -4.93
CA LEU B 89 3.59 -1.00 -4.88
C LEU B 89 2.44 -1.41 -5.78
N GLY B 90 2.73 -1.83 -7.02
CA GLY B 90 1.68 -1.98 -8.01
C GLY B 90 0.81 -3.18 -7.60
N ILE B 91 1.42 -4.28 -7.20
CA ILE B 91 0.70 -5.52 -6.99
C ILE B 91 -0.18 -5.37 -5.71
N SER B 92 0.25 -4.59 -4.76
CA SER B 92 -0.57 -4.37 -3.57
C SER B 92 -1.70 -3.32 -3.76
N ILE B 93 -1.48 -2.32 -4.61
CA ILE B 93 -2.57 -1.45 -4.96
C ILE B 93 -3.66 -2.30 -5.63
N ALA B 94 -3.24 -3.13 -6.58
CA ALA B 94 -4.16 -3.98 -7.29
C ALA B 94 -4.88 -4.94 -6.27
N ALA B 95 -4.12 -5.66 -5.47
CA ALA B 95 -4.70 -6.60 -4.43
C ALA B 95 -5.74 -5.85 -3.56
N ASN B 96 -5.43 -4.59 -3.20
CA ASN B 96 -6.34 -3.79 -2.38
C ASN B 96 -7.63 -3.36 -3.06
N LYS B 97 -7.69 -3.52 -4.40
CA LYS B 97 -8.97 -3.28 -5.09
C LYS B 97 -10.06 -4.32 -4.75
N VAL B 98 -9.66 -5.46 -4.20
CA VAL B 98 -10.56 -6.54 -3.94
C VAL B 98 -11.15 -6.32 -2.50
N PRO B 99 -12.49 -6.33 -2.38
CA PRO B 99 -13.19 -6.10 -1.13
C PRO B 99 -12.79 -7.19 -0.10
N GLY B 100 -12.55 -6.78 1.14
CA GLY B 100 -12.06 -7.77 2.12
C GLY B 100 -10.55 -8.05 2.10
N ILE B 101 -9.82 -7.48 1.14
CA ILE B 101 -8.36 -7.63 1.12
C ILE B 101 -7.68 -6.39 1.72
N ARG B 102 -6.66 -6.65 2.55
CA ARG B 102 -5.86 -5.61 3.18
C ARG B 102 -4.40 -5.95 2.94
N ALA B 103 -3.82 -5.35 1.86
CA ALA B 103 -2.45 -5.71 1.41
C ALA B 103 -1.46 -4.65 1.90
N ALA B 104 -0.45 -5.09 2.64
CA ALA B 104 0.48 -4.18 3.35
C ALA B 104 1.85 -4.20 2.73
N VAL B 105 2.32 -3.08 2.15
CA VAL B 105 3.69 -3.00 1.57
C VAL B 105 4.63 -2.72 2.73
N CYS B 106 5.50 -3.68 3.06
CA CYS B 106 6.37 -3.56 4.21
C CYS B 106 7.83 -3.59 3.83
N THR B 107 8.60 -2.65 4.35
CA THR B 107 10.07 -2.66 4.08
C THR B 107 10.83 -2.89 5.38
N ASN B 108 10.16 -3.16 6.50
CA ASN B 108 10.92 -3.59 7.70
C ASN B 108 9.95 -4.37 8.57
N SER B 109 10.51 -5.02 9.59
CA SER B 109 9.69 -5.91 10.48
C SER B 109 8.71 -5.14 11.34
N TYR B 110 9.09 -3.94 11.76
CA TYR B 110 8.10 -3.11 12.47
C TYR B 110 6.78 -2.88 11.67
N MET B 111 6.91 -2.56 10.36
CA MET B 111 5.72 -2.35 9.56
C MET B 111 4.97 -3.64 9.44
N ALA B 112 5.70 -4.74 9.22
CA ALA B 112 5.07 -6.06 9.11
C ALA B 112 4.23 -6.40 10.38
N ARG B 113 4.80 -6.18 11.54
CA ARG B 113 4.12 -6.53 12.78
C ARG B 113 2.87 -5.68 12.88
N MET B 114 3.00 -4.39 12.69
CA MET B 114 1.86 -3.51 12.88
C MET B 114 0.79 -3.81 11.84
N SER B 115 1.18 -4.23 10.66
CA SER B 115 0.19 -4.44 9.63
C SER B 115 -0.73 -5.63 10.13
N ARG B 116 -0.15 -6.57 10.89
CA ARG B 116 -0.95 -7.67 11.48
C ARG B 116 -1.71 -7.14 12.69
N GLU B 117 -1.01 -6.58 13.65
CA GLU B 117 -1.64 -6.13 14.90
C GLU B 117 -2.70 -5.07 14.72
N HIS B 118 -2.54 -4.14 13.76
CA HIS B 118 -3.44 -3.02 13.70
C HIS B 118 -4.43 -3.10 12.53
N ASN B 119 -3.97 -3.64 11.41
CA ASN B 119 -4.70 -3.48 10.16
C ASN B 119 -5.22 -4.84 9.74
N ASP B 120 -4.84 -5.88 10.50
CA ASP B 120 -5.23 -7.24 10.23
C ASP B 120 -4.97 -7.60 8.76
N ALA B 121 -3.84 -7.14 8.22
CA ALA B 121 -3.50 -7.38 6.82
C ALA B 121 -3.53 -8.87 6.53
N ASN B 122 -4.18 -9.29 5.46
CA ASN B 122 -4.15 -10.68 5.01
C ASN B 122 -3.29 -10.82 3.73
N ILE B 123 -2.74 -9.70 3.23
CA ILE B 123 -1.66 -9.85 2.22
C ILE B 123 -0.41 -8.99 2.57
N LEU B 124 0.76 -9.60 2.51
CA LEU B 124 2.01 -8.93 2.66
C LEU B 124 2.59 -8.59 1.27
N ALA B 125 2.98 -7.33 1.07
CA ALA B 125 3.59 -7.01 -0.24
C ALA B 125 5.07 -6.66 -0.11
N LEU B 126 5.91 -7.14 -1.00
CA LEU B 126 7.31 -6.91 -0.90
C LEU B 126 7.92 -6.39 -2.23
N GLY B 127 9.03 -5.66 -2.16
CA GLY B 127 9.67 -5.25 -3.39
C GLY B 127 11.06 -5.81 -3.53
N GLU B 128 11.20 -6.71 -4.50
CA GLU B 128 12.47 -7.43 -4.68
C GLU B 128 13.65 -6.46 -4.94
N ARG B 129 13.36 -5.31 -5.53
CA ARG B 129 14.39 -4.31 -5.85
C ARG B 129 14.71 -3.32 -4.72
N VAL B 130 13.98 -3.45 -3.63
CA VAL B 130 14.07 -2.49 -2.52
C VAL B 130 14.62 -3.23 -1.29
N VAL B 131 14.11 -4.43 -0.98
CA VAL B 131 14.60 -5.13 0.23
C VAL B 131 15.44 -6.33 -0.22
N GLY B 132 16.64 -6.52 0.37
CA GLY B 132 17.46 -7.68 0.17
C GLY B 132 16.82 -8.95 0.70
N LEU B 133 17.35 -10.09 0.28
CA LEU B 133 16.73 -11.39 0.62
C LEU B 133 16.56 -11.58 2.19
N ASP B 134 17.61 -11.36 2.98
CA ASP B 134 17.51 -11.68 4.37
C ASP B 134 16.62 -10.71 5.10
N LEU B 135 16.65 -9.42 4.71
CA LEU B 135 15.67 -8.51 5.23
C LEU B 135 14.22 -8.97 4.91
N ALA B 136 14.00 -9.48 3.68
CA ALA B 136 12.67 -9.90 3.27
C ALA B 136 12.21 -11.14 4.09
N LEU B 137 13.15 -12.05 4.38
CA LEU B 137 12.81 -13.24 5.22
C LEU B 137 12.47 -12.82 6.61
N ASP B 138 13.18 -11.81 7.18
CA ASP B 138 12.84 -11.29 8.54
C ASP B 138 11.42 -10.72 8.56
N ILE B 139 11.13 -9.92 7.52
CA ILE B 139 9.79 -9.36 7.35
C ILE B 139 8.71 -10.43 7.23
N VAL B 140 8.91 -11.43 6.37
CA VAL B 140 7.92 -12.51 6.20
C VAL B 140 7.71 -13.29 7.56
N ASP B 141 8.82 -13.60 8.25
CA ASP B 141 8.85 -14.25 9.56
C ASP B 141 8.02 -13.42 10.56
N THR B 142 8.30 -12.12 10.67
CA THR B 142 7.56 -11.28 11.56
C THR B 142 6.07 -11.27 11.27
N TRP B 143 5.74 -11.17 10.00
CA TRP B 143 4.37 -11.00 9.58
C TRP B 143 3.55 -12.26 9.87
N LEU B 144 4.14 -13.45 9.63
CA LEU B 144 3.42 -14.71 9.81
C LEU B 144 3.09 -14.97 11.28
N LYS B 145 3.93 -14.45 12.18
CA LYS B 145 3.83 -14.69 13.59
C LYS B 145 2.99 -13.61 14.30
N ALA B 146 2.80 -12.43 13.71
CA ALA B 146 2.10 -11.31 14.42
C ALA B 146 0.56 -11.57 14.49
N GLU B 147 -0.13 -11.01 15.48
CA GLU B 147 -1.57 -11.31 15.63
C GLU B 147 -2.40 -10.08 15.75
N PHE B 148 -3.57 -10.12 15.12
CA PHE B 148 -4.47 -8.98 15.16
C PHE B 148 -4.87 -8.67 16.59
N GLN B 149 -4.97 -7.40 16.95
CA GLN B 149 -5.25 -6.99 18.29
C GLN B 149 -6.72 -6.56 18.62
N GLY B 150 -7.62 -6.59 17.64
CA GLY B 150 -8.99 -6.16 17.85
C GLY B 150 -9.16 -4.78 18.41
N GLY B 151 -10.29 -4.62 19.07
CA GLY B 151 -10.62 -3.37 19.74
C GLY B 151 -10.83 -2.28 18.74
N ARG B 152 -10.31 -1.09 19.06
CA ARG B 152 -10.40 0.01 18.13
C ARG B 152 -9.86 -0.32 16.71
N HIS B 153 -8.97 -1.31 16.57
CA HIS B 153 -8.44 -1.68 15.28
C HIS B 153 -9.49 -2.43 14.49
N ALA B 154 -10.40 -3.18 15.16
CA ALA B 154 -11.51 -3.81 14.42
C ALA B 154 -12.48 -2.71 13.95
N THR B 155 -12.67 -1.68 14.77
CA THR B 155 -13.60 -0.64 14.42
C THR B 155 -13.06 0.00 13.10
N ARG B 156 -11.74 0.20 13.05
CA ARG B 156 -11.13 0.94 11.91
C ARG B 156 -11.14 0.10 10.70
N VAL B 157 -10.80 -1.17 10.86
CA VAL B 157 -10.99 -2.11 9.76
C VAL B 157 -12.48 -2.11 9.23
N GLY B 158 -13.51 -1.96 10.10
CA GLY B 158 -14.94 -1.89 9.64
C GLY B 158 -15.14 -0.66 8.74
N LYS B 159 -14.49 0.44 9.11
CA LYS B 159 -14.57 1.65 8.34
C LYS B 159 -13.88 1.49 6.97
N ILE B 160 -12.89 0.59 6.84
CA ILE B 160 -12.34 0.31 5.52
C ILE B 160 -13.47 -0.42 4.74
N GLY B 161 -14.17 -1.34 5.43
CA GLY B 161 -15.29 -2.11 4.86
C GLY B 161 -16.37 -1.14 4.41
N GLU B 162 -16.57 -0.03 5.12
CA GLU B 162 -17.62 0.90 4.70
C GLU B 162 -17.24 1.56 3.40
N ILE B 163 -15.94 1.83 3.19
CA ILE B 163 -15.51 2.38 1.87
C ILE B 163 -15.80 1.41 0.74
N GLU B 164 -15.44 0.15 0.93
CA GLU B 164 -15.70 -0.85 -0.03
C GLU B 164 -17.21 -0.89 -0.36
N LYS B 165 -18.06 -0.80 0.69
CA LYS B 165 -19.52 -0.91 0.50
C LYS B 165 -20.01 0.27 -0.28
N LYS B 166 -19.43 1.45 -0.02
CA LYS B 166 -19.83 2.66 -0.72
C LYS B 166 -19.55 2.53 -2.23
N TYR B 167 -18.42 1.96 -2.62
CA TYR B 167 -18.05 1.89 -4.03
C TYR B 167 -18.35 0.57 -4.71
N SER B 168 -18.87 -0.37 -3.92
CA SER B 168 -19.29 -1.66 -4.46
C SER B 168 -20.32 -1.64 -5.71
#